data_5SCY
#
_entry.id   5SCY
#
_cell.length_a   29.580
_cell.length_b   67.290
_cell.length_c   72.250
_cell.angle_alpha   90.000
_cell.angle_beta   90.000
_cell.angle_gamma   90.000
#
_symmetry.space_group_name_H-M   'P 21 21 21'
#
loop_
_entity.id
_entity.type
_entity.pdbx_description
1 polymer 'Dihydrofolate reductase'
2 non-polymer 'NADP NICOTINAMIDE-ADENINE-DINUCLEOTIDE PHOSPHATE'
3 non-polymer '1-(2-{3-[(2,4-diamino-6-ethylpyrimidin-5-yl)oxy]propoxy}phenyl)piperidine-4-carboxylic acid'
4 non-polymer 1,2-ETHANEDIOL
5 water water
#
_entity_poly.entity_id   1
_entity_poly.type   'polypeptide(L)'
_entity_poly.pdbx_seq_one_letter_code
;MGSSHHHHHHSSGLVPRGSHMVGLIWAQATSGVIGRGGDIPWRLPEDQAHFREITMGHTIVMGRRTWDSLPAKVRPLPGR
RNVVLSRQADFMASGAEVVGSLEEALTSPETWVIGGGQVYALALPYATRCEVTEVDIGLPREAGDALAPVLDETWRGETG
EWRFSRSGLRYRLYSYHRS
;
_entity_poly.pdbx_strand_id   A
#
# COMPACT_ATOMS: atom_id res chain seq x y z
N SER A 12 6.43 -18.99 -9.19
CA SER A 12 5.52 -17.87 -8.97
C SER A 12 5.98 -17.00 -7.81
N GLY A 13 6.56 -17.63 -6.79
CA GLY A 13 6.99 -16.88 -5.62
C GLY A 13 8.35 -16.24 -5.75
N LEU A 14 9.22 -16.79 -6.60
CA LEU A 14 10.52 -16.17 -6.82
C LEU A 14 10.41 -15.06 -7.86
N VAL A 15 11.22 -14.02 -7.69
CA VAL A 15 11.21 -12.87 -8.59
C VAL A 15 12.52 -12.85 -9.37
N PRO A 16 12.52 -13.20 -10.65
CA PRO A 16 13.73 -13.05 -11.48
C PRO A 16 14.12 -11.58 -11.56
N ARG A 17 15.43 -11.33 -11.60
CA ARG A 17 15.88 -9.94 -11.50
C ARG A 17 15.60 -9.14 -12.77
N GLY A 18 15.33 -9.81 -13.88
CA GLY A 18 14.98 -9.12 -15.10
C GLY A 18 13.51 -8.77 -15.23
N SER A 19 12.71 -9.12 -14.25
CA SER A 19 11.27 -8.86 -14.31
C SER A 19 10.93 -7.54 -13.63
N HIS A 20 9.65 -7.15 -13.71
CA HIS A 20 9.14 -5.96 -13.01
C HIS A 20 7.87 -6.37 -12.29
N MET A 21 8.03 -6.98 -11.12
CA MET A 21 6.88 -7.39 -10.33
C MET A 21 6.32 -6.21 -9.56
N VAL A 22 5.00 -6.09 -9.56
CA VAL A 22 4.30 -5.00 -8.91
C VAL A 22 3.29 -5.58 -7.93
N GLY A 23 3.41 -5.23 -6.66
CA GLY A 23 2.42 -5.61 -5.66
C GLY A 23 1.80 -4.38 -5.03
N LEU A 24 0.56 -4.52 -4.56
CA LEU A 24 -0.09 -3.48 -3.77
C LEU A 24 -0.24 -3.97 -2.34
N ILE A 25 -0.02 -3.08 -1.37
CA ILE A 25 -0.19 -3.42 0.04
C ILE A 25 -0.98 -2.30 0.70
N TRP A 26 -2.05 -2.66 1.41
CA TRP A 26 -2.90 -1.68 2.08
C TRP A 26 -3.59 -2.29 3.28
N ALA A 27 -4.06 -1.41 4.17
CA ALA A 27 -4.93 -1.79 5.28
C ALA A 27 -6.26 -1.07 5.13
N GLN A 28 -7.37 -1.80 5.30
CA GLN A 28 -8.71 -1.22 5.16
C GLN A 28 -9.58 -1.60 6.34
N ALA A 29 -10.56 -0.74 6.62
CA ALA A 29 -11.67 -1.16 7.46
C ALA A 29 -12.55 -2.10 6.64
N THR A 30 -13.51 -2.75 7.33
CA THR A 30 -14.38 -3.69 6.63
C THR A 30 -15.23 -3.02 5.55
N SER A 31 -15.42 -1.70 5.66
CA SER A 31 -16.15 -0.94 4.65
C SER A 31 -15.31 -0.62 3.42
N GLY A 32 -14.00 -0.86 3.45
CA GLY A 32 -13.14 -0.47 2.36
C GLY A 32 -12.47 0.88 2.54
N VAL A 33 -12.80 1.61 3.61
CA VAL A 33 -12.12 2.88 3.87
C VAL A 33 -10.66 2.61 4.18
N ILE A 34 -9.76 3.35 3.53
CA ILE A 34 -8.35 3.31 3.83
C ILE A 34 -7.80 4.63 4.36
N GLY A 35 -8.46 5.76 4.09
CA GLY A 35 -7.95 7.05 4.50
C GLY A 35 -9.06 8.06 4.65
N ARG A 36 -8.87 9.00 5.57
CA ARG A 36 -9.82 10.08 5.77
C ARG A 36 -9.07 11.29 6.31
N GLY A 37 -9.31 12.46 5.71
CA GLY A 37 -8.72 13.69 6.20
C GLY A 37 -7.21 13.68 6.24
N GLY A 38 -6.56 12.99 5.31
CA GLY A 38 -5.11 12.96 5.26
C GLY A 38 -4.44 12.04 6.25
N ASP A 39 -5.17 11.08 6.79
CA ASP A 39 -4.66 10.17 7.80
C ASP A 39 -5.34 8.83 7.58
N ILE A 40 -4.87 7.83 8.31
CA ILE A 40 -5.55 6.53 8.43
C ILE A 40 -6.37 6.57 9.71
N PRO A 41 -7.68 6.29 9.66
CA PRO A 41 -8.55 6.51 10.83
C PRO A 41 -8.55 5.39 11.88
N TRP A 42 -7.42 4.70 12.03
CA TRP A 42 -7.19 3.75 13.12
C TRP A 42 -5.68 3.56 13.24
N ARG A 43 -5.26 2.87 14.31
CA ARG A 43 -3.89 2.42 14.44
C ARG A 43 -3.90 0.95 14.85
N LEU A 44 -3.04 0.16 14.20
CA LEU A 44 -2.92 -1.28 14.50
C LEU A 44 -1.45 -1.67 14.45
N PRO A 45 -0.82 -1.91 15.60
CA PRO A 45 0.62 -2.23 15.60
C PRO A 45 0.97 -3.44 14.76
N GLU A 46 0.12 -4.47 14.76
CA GLU A 46 0.41 -5.66 13.97
C GLU A 46 0.43 -5.34 12.49
N ASP A 47 -0.38 -4.37 12.05
CA ASP A 47 -0.35 -3.97 10.65
C ASP A 47 0.93 -3.21 10.32
N GLN A 48 1.37 -2.34 11.22
CA GLN A 48 2.63 -1.64 11.01
C GLN A 48 3.79 -2.62 10.88
N ALA A 49 3.83 -3.64 11.73
CA ALA A 49 4.91 -4.63 11.65
C ALA A 49 4.84 -5.41 10.35
N HIS A 50 3.62 -5.81 9.96
CA HIS A 50 3.41 -6.59 8.74
C HIS A 50 3.83 -5.80 7.51
N PHE A 51 3.44 -4.52 7.45
CA PHE A 51 3.84 -3.65 6.35
C PHE A 51 5.36 -3.57 6.24
N ARG A 52 6.05 -3.40 7.36
CA ARG A 52 7.52 -3.34 7.31
CA ARG A 52 7.51 -3.34 7.33
C ARG A 52 8.10 -4.65 6.83
N GLU A 53 7.57 -5.78 7.32
CA GLU A 53 8.14 -7.07 6.93
C GLU A 53 8.02 -7.30 5.44
N ILE A 54 6.90 -6.92 4.85
CA ILE A 54 6.70 -7.18 3.43
CA ILE A 54 6.68 -7.17 3.43
C ILE A 54 7.54 -6.24 2.58
N THR A 55 7.61 -4.97 2.95
CA THR A 55 8.20 -3.98 2.05
C THR A 55 9.70 -3.80 2.20
N MET A 56 10.30 -4.23 3.32
CA MET A 56 11.69 -3.91 3.60
C MET A 56 12.61 -4.45 2.50
N GLY A 57 13.56 -3.62 2.09
CA GLY A 57 14.52 -3.99 1.07
C GLY A 57 14.07 -3.77 -0.36
N HIS A 58 12.83 -3.37 -0.58
CA HIS A 58 12.29 -3.20 -1.93
C HIS A 58 12.04 -1.72 -2.20
N THR A 59 11.66 -1.44 -3.45
CA THR A 59 11.21 -0.10 -3.80
C THR A 59 9.76 0.07 -3.39
N ILE A 60 9.45 1.21 -2.80
CA ILE A 60 8.07 1.56 -2.45
C ILE A 60 7.65 2.77 -3.28
N VAL A 61 6.45 2.70 -3.83
CA VAL A 61 5.89 3.76 -4.65
C VAL A 61 4.64 4.28 -3.94
N MET A 62 4.53 5.60 -3.82
CA MET A 62 3.38 6.20 -3.14
C MET A 62 2.93 7.45 -3.87
N GLY A 63 1.64 7.75 -3.75
CA GLY A 63 1.15 9.03 -4.24
C GLY A 63 1.62 10.18 -3.38
N ARG A 64 1.62 11.37 -3.98
CA ARG A 64 2.08 12.58 -3.29
C ARG A 64 1.32 12.82 -1.99
N ARG A 65 0.00 12.54 -1.95
CA ARG A 65 -0.75 12.78 -0.73
C ARG A 65 -0.36 11.82 0.39
N THR A 66 0.06 10.60 0.03
CA THR A 66 0.56 9.67 1.03
C THR A 66 1.92 10.12 1.58
N TRP A 67 2.80 10.62 0.71
CA TRP A 67 4.02 11.25 1.20
C TRP A 67 3.71 12.37 2.19
N ASP A 68 2.73 13.24 1.83
CA ASP A 68 2.35 14.33 2.73
C ASP A 68 1.86 13.81 4.08
N SER A 69 1.22 12.64 4.10
CA SER A 69 0.65 12.08 5.32
C SER A 69 1.70 11.53 6.28
N LEU A 70 2.93 11.33 5.80
CA LEU A 70 4.00 10.86 6.68
C LEU A 70 4.64 12.05 7.38
N PRO A 71 4.89 11.95 8.68
CA PRO A 71 5.59 13.05 9.37
C PRO A 71 6.93 13.33 8.70
N ALA A 72 7.27 14.62 8.59
CA ALA A 72 8.51 15.01 7.94
C ALA A 72 9.71 14.28 8.53
N LYS A 73 9.71 14.10 9.85
CA LYS A 73 10.86 13.49 10.50
C LYS A 73 11.04 12.02 10.12
N VAL A 74 9.98 11.34 9.68
CA VAL A 74 10.10 9.92 9.40
C VAL A 74 10.39 9.62 7.94
N ARG A 75 10.09 10.54 7.04
CA ARG A 75 10.25 10.22 5.64
C ARG A 75 11.59 10.74 5.13
N PRO A 76 12.20 10.07 4.14
CA PRO A 76 11.74 8.86 3.45
C PRO A 76 11.82 7.64 4.36
N LEU A 77 10.96 6.67 4.12
CA LEU A 77 10.92 5.49 4.96
C LEU A 77 12.23 4.71 4.83
N PRO A 78 12.83 4.28 5.94
CA PRO A 78 14.17 3.68 5.87
C PRO A 78 14.16 2.28 5.28
N GLY A 79 15.30 1.89 4.72
CA GLY A 79 15.50 0.53 4.23
C GLY A 79 14.82 0.21 2.92
N ARG A 80 14.24 1.21 2.26
CA ARG A 80 13.49 1.03 1.03
C ARG A 80 13.76 2.23 0.12
N ARG A 81 13.82 2.00 -1.18
CA ARG A 81 13.92 3.11 -2.12
C ARG A 81 12.55 3.77 -2.23
N ASN A 82 12.45 5.06 -1.88
CA ASN A 82 11.16 5.76 -1.84
C ASN A 82 10.94 6.51 -3.16
N VAL A 83 9.82 6.25 -3.83
CA VAL A 83 9.44 6.94 -5.06
C VAL A 83 8.05 7.53 -4.86
N VAL A 84 7.89 8.81 -5.21
CA VAL A 84 6.63 9.53 -5.02
C VAL A 84 6.10 9.96 -6.38
N LEU A 85 4.80 9.76 -6.61
CA LEU A 85 4.15 10.16 -7.85
CA LEU A 85 4.12 10.16 -7.85
C LEU A 85 3.48 11.52 -7.68
N SER A 86 3.80 12.45 -8.59
CA SER A 86 3.14 13.75 -8.62
C SER A 86 3.10 14.23 -10.06
N ARG A 87 2.04 14.98 -10.41
CA ARG A 87 1.97 15.69 -11.67
C ARG A 87 2.48 17.13 -11.57
N GLN A 88 2.82 17.59 -10.37
CA GLN A 88 3.25 18.96 -10.18
C GLN A 88 4.75 19.05 -10.38
N ALA A 89 5.19 19.89 -11.33
CA ALA A 89 6.61 19.97 -11.66
C ALA A 89 7.43 20.60 -10.55
N ASP A 90 6.80 21.27 -9.59
CA ASP A 90 7.51 21.90 -8.49
C ASP A 90 7.33 21.16 -7.16
N PHE A 91 6.67 20.02 -7.13
CA PHE A 91 6.62 19.22 -5.92
C PHE A 91 7.93 18.48 -5.73
N MET A 92 8.51 18.58 -4.52
CA MET A 92 9.79 17.96 -4.21
C MET A 92 9.66 17.17 -2.91
N ALA A 93 10.32 16.01 -2.87
CA ALA A 93 10.25 15.07 -1.74
C ALA A 93 11.68 14.87 -1.25
N SER A 94 12.08 15.60 -0.21
CA SER A 94 13.47 15.55 0.26
C SER A 94 13.85 14.13 0.68
N GLY A 95 14.94 13.62 0.11
CA GLY A 95 15.39 12.27 0.39
C GLY A 95 14.86 11.21 -0.56
N ALA A 96 13.91 11.56 -1.44
CA ALA A 96 13.24 10.58 -2.29
C ALA A 96 13.19 11.12 -3.71
N GLU A 97 12.71 10.28 -4.61
CA GLU A 97 12.60 10.62 -6.02
C GLU A 97 11.13 10.88 -6.34
N VAL A 98 10.84 11.99 -7.02
CA VAL A 98 9.49 12.30 -7.51
C VAL A 98 9.45 12.01 -9.01
N VAL A 99 8.48 11.21 -9.45
CA VAL A 99 8.28 10.96 -10.87
C VAL A 99 6.84 11.25 -11.26
N GLY A 100 6.62 11.46 -12.55
CA GLY A 100 5.33 11.89 -13.06
C GLY A 100 4.45 10.78 -13.60
N SER A 101 4.85 9.53 -13.48
CA SER A 101 4.05 8.45 -14.04
C SER A 101 4.45 7.16 -13.35
N LEU A 102 3.54 6.19 -13.39
CA LEU A 102 3.87 4.88 -12.88
C LEU A 102 4.91 4.19 -13.75
N GLU A 103 4.89 4.46 -15.06
CA GLU A 103 5.89 3.88 -15.96
CA GLU A 103 5.88 3.87 -15.95
C GLU A 103 7.29 4.27 -15.55
N GLU A 104 7.50 5.53 -15.15
CA GLU A 104 8.82 5.94 -14.70
C GLU A 104 9.16 5.33 -13.35
N ALA A 105 8.17 5.04 -12.52
CA ALA A 105 8.42 4.54 -11.17
C ALA A 105 8.80 3.06 -11.14
N LEU A 106 8.36 2.28 -12.13
CA LEU A 106 8.43 0.82 -12.05
C LEU A 106 9.68 0.26 -12.74
N THR A 107 10.84 0.71 -12.27
CA THR A 107 12.10 0.28 -12.87
C THR A 107 12.83 -0.80 -12.06
N SER A 108 12.38 -1.09 -10.86
CA SER A 108 13.01 -2.09 -10.01
C SER A 108 12.42 -3.47 -10.28
N PRO A 109 13.13 -4.54 -9.91
CA PRO A 109 12.54 -5.88 -10.08
C PRO A 109 11.33 -6.13 -9.18
N GLU A 110 11.29 -5.52 -8.00
CA GLU A 110 10.18 -5.74 -7.07
C GLU A 110 9.75 -4.38 -6.50
N THR A 111 8.49 -4.02 -6.76
CA THR A 111 7.97 -2.74 -6.32
C THR A 111 6.70 -2.98 -5.52
N TRP A 112 6.61 -2.34 -4.36
CA TRP A 112 5.39 -2.33 -3.56
C TRP A 112 4.76 -0.94 -3.65
N VAL A 113 3.54 -0.89 -4.17
CA VAL A 113 2.74 0.34 -4.16
C VAL A 113 2.06 0.42 -2.80
N ILE A 114 2.35 1.50 -2.06
CA ILE A 114 1.95 1.63 -0.66
C ILE A 114 0.84 2.64 -0.44
N GLY A 115 0.18 3.08 -1.50
CA GLY A 115 -0.98 3.95 -1.40
C GLY A 115 -0.74 5.28 -2.10
N GLY A 116 -1.79 6.10 -2.12
CA GLY A 116 -3.07 5.84 -1.48
C GLY A 116 -4.12 5.42 -2.48
N GLY A 117 -5.36 5.88 -2.27
CA GLY A 117 -6.46 5.37 -3.08
C GLY A 117 -6.30 5.63 -4.57
N GLN A 118 -5.87 6.83 -4.94
CA GLN A 118 -5.67 7.12 -6.36
C GLN A 118 -4.59 6.23 -6.96
N VAL A 119 -3.48 6.06 -6.24
CA VAL A 119 -2.36 5.30 -6.80
C VAL A 119 -2.66 3.80 -6.84
N TYR A 120 -3.42 3.26 -5.89
CA TYR A 120 -3.82 1.85 -6.02
C TYR A 120 -4.63 1.63 -7.30
N ALA A 121 -5.58 2.52 -7.59
CA ALA A 121 -6.39 2.34 -8.79
C ALA A 121 -5.53 2.46 -10.05
N LEU A 122 -4.57 3.38 -10.04
CA LEU A 122 -3.67 3.57 -11.16
C LEU A 122 -2.80 2.35 -11.41
N ALA A 123 -2.32 1.73 -10.33
CA ALA A 123 -1.34 0.64 -10.45
C ALA A 123 -1.98 -0.73 -10.65
N LEU A 124 -3.26 -0.89 -10.28
CA LEU A 124 -3.91 -2.19 -10.36
C LEU A 124 -3.71 -2.92 -11.69
N PRO A 125 -3.82 -2.28 -12.85
CA PRO A 125 -3.65 -3.03 -14.12
C PRO A 125 -2.30 -3.70 -14.27
N TYR A 126 -1.27 -3.24 -13.56
CA TYR A 126 0.07 -3.81 -13.68
C TYR A 126 0.42 -4.77 -12.54
N ALA A 127 -0.45 -4.88 -11.53
CA ALA A 127 -0.14 -5.61 -10.32
C ALA A 127 -0.52 -7.08 -10.45
N THR A 128 0.29 -7.93 -9.81
CA THR A 128 0.07 -9.37 -9.75
C THR A 128 -0.04 -9.88 -8.32
N ARG A 129 0.11 -9.03 -7.31
CA ARG A 129 -0.04 -9.43 -5.92
CA ARG A 129 -0.04 -9.43 -5.92
C ARG A 129 -0.68 -8.28 -5.14
N CYS A 130 -1.57 -8.63 -4.21
CA CYS A 130 -2.09 -7.67 -3.23
C CYS A 130 -1.96 -8.30 -1.85
N GLU A 131 -1.48 -7.52 -0.89
CA GLU A 131 -1.42 -7.94 0.51
C GLU A 131 -2.27 -6.97 1.31
N VAL A 132 -3.34 -7.48 1.91
CA VAL A 132 -4.36 -6.67 2.57
C VAL A 132 -4.43 -7.00 4.04
N THR A 133 -4.51 -5.97 4.87
CA THR A 133 -4.92 -6.12 6.26
C THR A 133 -6.32 -5.54 6.38
N GLU A 134 -7.25 -6.31 6.92
CA GLU A 134 -8.60 -5.81 7.14
C GLU A 134 -8.85 -5.68 8.64
N VAL A 135 -9.26 -4.50 9.06
CA VAL A 135 -9.49 -4.18 10.46
C VAL A 135 -10.99 -4.16 10.72
N ASP A 136 -11.42 -4.88 11.76
CA ASP A 136 -12.85 -5.01 12.07
C ASP A 136 -13.29 -3.82 12.92
N ILE A 137 -13.15 -2.63 12.33
CA ILE A 137 -13.62 -1.40 12.94
C ILE A 137 -14.75 -0.87 12.08
N GLY A 138 -15.85 -0.50 12.73
CA GLY A 138 -17.04 -0.03 12.02
C GLY A 138 -16.92 1.41 11.60
N LEU A 139 -16.33 1.64 10.43
CA LEU A 139 -16.13 3.00 9.91
C LEU A 139 -16.83 3.08 8.55
N PRO A 140 -18.00 3.69 8.49
CA PRO A 140 -18.71 3.78 7.20
C PRO A 140 -17.99 4.73 6.24
N ARG A 141 -18.25 4.50 4.96
CA ARG A 141 -17.66 5.33 3.92
C ARG A 141 -18.31 6.70 3.90
N GLU A 142 -17.49 7.73 3.91
CA GLU A 142 -17.96 9.10 3.81
C GLU A 142 -17.39 9.74 2.55
N ALA A 143 -18.07 10.77 2.09
CA ALA A 143 -17.63 11.50 0.89
C ALA A 143 -16.20 11.99 1.11
N GLY A 144 -15.36 11.79 0.10
CA GLY A 144 -13.99 12.22 0.17
C GLY A 144 -13.02 11.24 0.79
N ASP A 145 -13.51 10.12 1.34
CA ASP A 145 -12.62 9.10 1.86
C ASP A 145 -11.77 8.52 0.73
N ALA A 146 -10.58 8.07 1.07
CA ALA A 146 -9.83 7.21 0.17
C ALA A 146 -10.27 5.79 0.43
N LEU A 147 -10.41 5.02 -0.64
CA LEU A 147 -10.93 3.66 -0.57
C LEU A 147 -9.98 2.66 -1.21
N ALA A 148 -10.09 1.41 -0.73
CA ALA A 148 -9.32 0.32 -1.30
C ALA A 148 -9.77 0.02 -2.73
N PRO A 149 -8.88 -0.48 -3.57
CA PRO A 149 -9.30 -0.85 -4.93
C PRO A 149 -10.18 -2.08 -4.86
N VAL A 150 -11.08 -2.20 -5.82
CA VAL A 150 -11.91 -3.38 -5.92
C VAL A 150 -11.24 -4.40 -6.84
N LEU A 151 -11.27 -5.67 -6.46
CA LEU A 151 -10.55 -6.73 -7.17
C LEU A 151 -11.55 -7.62 -7.90
N ASP A 152 -11.39 -7.71 -9.22
CA ASP A 152 -12.26 -8.51 -10.08
C ASP A 152 -11.91 -10.00 -9.96
N GLU A 153 -12.58 -10.82 -10.75
CA GLU A 153 -12.42 -12.27 -10.73
C GLU A 153 -11.12 -12.76 -11.36
N THR A 154 -10.30 -11.89 -11.96
CA THR A 154 -8.98 -12.35 -12.37
C THR A 154 -8.08 -12.58 -11.16
N TRP A 155 -8.44 -12.04 -10.01
CA TRP A 155 -7.66 -12.18 -8.80
C TRP A 155 -8.12 -13.40 -8.03
N ARG A 156 -7.18 -14.15 -7.48
CA ARG A 156 -7.47 -15.27 -6.60
C ARG A 156 -6.87 -14.96 -5.23
N GLY A 157 -7.65 -15.23 -4.19
CA GLY A 157 -7.32 -14.74 -2.86
C GLY A 157 -7.33 -15.83 -1.82
N GLU A 158 -6.54 -15.60 -0.78
CA GLU A 158 -6.56 -16.40 0.44
C GLU A 158 -6.91 -15.45 1.58
N THR A 159 -7.89 -15.83 2.39
CA THR A 159 -8.34 -15.02 3.52
C THR A 159 -7.94 -15.72 4.81
N GLY A 160 -7.23 -15.00 5.69
CA GLY A 160 -6.93 -15.55 6.99
C GLY A 160 -8.10 -15.48 7.94
N GLU A 161 -8.05 -16.30 8.98
CA GLU A 161 -9.03 -16.23 10.05
C GLU A 161 -8.88 -14.90 10.80
N TRP A 162 -9.94 -14.48 11.47
CA TRP A 162 -9.86 -13.30 12.32
C TRP A 162 -8.87 -13.53 13.46
N ARG A 163 -7.98 -12.57 13.65
CA ARG A 163 -7.01 -12.51 14.73
C ARG A 163 -7.35 -11.31 15.61
N PHE A 164 -6.67 -11.20 16.75
CA PHE A 164 -7.01 -10.18 17.72
C PHE A 164 -5.75 -9.41 18.09
N SER A 165 -5.80 -8.09 17.93
CA SER A 165 -4.65 -7.24 18.16
CA SER A 165 -4.66 -7.23 18.15
C SER A 165 -4.49 -6.92 19.64
N ARG A 166 -3.26 -6.60 20.03
CA ARG A 166 -3.03 -6.10 21.38
C ARG A 166 -3.85 -4.85 21.64
N SER A 167 -4.17 -4.10 20.58
CA SER A 167 -4.97 -2.89 20.67
CA SER A 167 -4.96 -2.88 20.68
C SER A 167 -6.46 -3.16 20.81
N GLY A 168 -6.87 -4.43 20.86
CA GLY A 168 -8.26 -4.77 21.07
C GLY A 168 -9.16 -4.69 19.87
N LEU A 169 -8.60 -4.71 18.66
CA LEU A 169 -9.37 -4.78 17.42
C LEU A 169 -9.13 -6.12 16.77
N ARG A 170 -10.19 -6.71 16.19
CA ARG A 170 -9.99 -7.87 15.34
C ARG A 170 -9.45 -7.43 13.99
N TYR A 171 -8.61 -8.28 13.40
CA TYR A 171 -8.08 -8.01 12.08
C TYR A 171 -7.80 -9.33 11.37
N ARG A 172 -7.71 -9.28 10.04
CA ARG A 172 -7.35 -10.47 9.30
C ARG A 172 -6.54 -10.06 8.08
N LEU A 173 -5.75 -11.00 7.57
CA LEU A 173 -4.88 -10.75 6.43
C LEU A 173 -5.44 -11.46 5.20
N TYR A 174 -5.33 -10.81 4.04
CA TYR A 174 -5.61 -11.45 2.76
C TYR A 174 -4.37 -11.38 1.89
N SER A 175 -4.19 -12.40 1.05
CA SER A 175 -3.17 -12.39 0.01
CA SER A 175 -3.17 -12.38 0.01
C SER A 175 -3.84 -12.72 -1.31
N TYR A 176 -3.71 -11.85 -2.28
CA TYR A 176 -4.28 -12.06 -3.61
C TYR A 176 -3.17 -12.13 -4.65
N HIS A 177 -3.41 -12.91 -5.70
CA HIS A 177 -2.48 -13.07 -6.79
C HIS A 177 -3.22 -13.18 -8.11
N ARG A 178 -2.52 -12.82 -9.19
CA ARG A 178 -2.97 -13.14 -10.54
C ARG A 178 -1.76 -13.24 -11.45
N SER A 179 -1.99 -13.73 -12.67
CA SER A 179 -0.90 -13.98 -13.60
C SER A 179 -0.32 -12.70 -14.22
#